data_1N2Y
#
_entry.id   1N2Y
#
_cell.length_a   1.000
_cell.length_b   1.000
_cell.length_c   1.000
_cell.angle_alpha   90.00
_cell.angle_beta   90.00
_cell.angle_gamma   90.00
#
_symmetry.space_group_name_H-M   'P 1'
#
_entity_poly.entity_id   1
_entity_poly.type   'polypeptide(L)'
_entity_poly.pdbx_seq_one_letter_code
;CFRARGYGFRGPGLC
;
_entity_poly.pdbx_strand_id   A
#
# COMPACT_ATOMS: atom_id res chain seq x y z
N CYS A 1 -2.12 -1.51 2.19
CA CYS A 1 -2.20 -1.60 3.67
C CYS A 1 -2.87 -0.33 4.16
N PHE A 2 -2.17 0.73 3.93
CA PHE A 2 -2.63 2.11 4.27
C PHE A 2 -2.50 2.99 3.04
N ARG A 3 -1.36 3.57 2.82
CA ARG A 3 -1.22 4.43 1.65
C ARG A 3 -0.74 3.60 0.48
N ALA A 4 -0.47 2.38 0.77
CA ALA A 4 -0.19 1.40 -0.32
C ALA A 4 -1.33 0.44 -0.35
N ARG A 5 -2.41 0.83 0.27
CA ARG A 5 -3.60 0.00 0.15
C ARG A 5 -4.09 0.44 -1.23
N GLY A 6 -3.59 1.59 -1.56
CA GLY A 6 -3.66 2.20 -2.89
C GLY A 6 -2.14 2.22 -3.08
N TYR A 7 -1.60 1.13 -3.54
CA TYR A 7 -0.12 0.91 -3.53
C TYR A 7 0.73 2.12 -3.83
N GLY A 8 1.91 2.01 -3.30
CA GLY A 8 2.95 3.04 -3.42
C GLY A 8 3.56 3.29 -2.04
N PHE A 9 2.73 3.31 -1.01
CA PHE A 9 3.25 3.59 0.38
C PHE A 9 3.03 2.44 1.36
N ARG A 10 1.80 2.12 1.66
CA ARG A 10 1.49 1.01 2.64
C ARG A 10 0.43 0.00 2.14
N GLY A 11 0.77 -1.17 1.57
CA GLY A 11 -0.33 -2.14 1.17
C GLY A 11 -0.28 -2.69 -0.25
N PRO A 12 -1.21 -3.61 -0.52
CA PRO A 12 -1.32 -4.22 -1.85
C PRO A 12 0.03 -4.42 -2.50
N GLY A 13 0.65 -3.39 -2.98
CA GLY A 13 1.98 -3.62 -3.54
C GLY A 13 2.88 -4.00 -2.37
N LEU A 14 2.76 -3.28 -1.28
CA LEU A 14 3.62 -3.56 -0.09
C LEU A 14 2.92 -3.61 1.30
N CYS A 15 1.74 -4.17 1.46
CA CYS A 15 1.10 -4.20 2.83
C CYS A 15 2.07 -4.85 3.83
N CYS A 1 1.10 -0.67 5.26
CA CYS A 1 0.34 0.00 4.20
C CYS A 1 -1.10 0.33 4.59
N PHE A 2 -1.73 1.11 3.76
CA PHE A 2 -3.18 1.37 3.89
C PHE A 2 -3.75 0.50 2.82
N ARG A 3 -3.23 0.76 1.69
CA ARG A 3 -3.45 -0.09 0.53
C ARG A 3 -2.09 -0.75 0.50
N ALA A 4 -1.13 0.06 0.19
CA ALA A 4 0.31 -0.37 0.31
C ALA A 4 1.07 0.63 1.20
N ARG A 5 0.46 1.71 1.33
CA ARG A 5 0.83 2.85 2.19
C ARG A 5 -0.46 3.63 2.23
N GLY A 6 -1.16 3.31 1.18
CA GLY A 6 -2.40 3.89 0.72
C GLY A 6 -2.03 3.95 -0.74
N TYR A 7 -1.24 4.93 -1.11
CA TYR A 7 -0.66 4.89 -2.47
C TYR A 7 0.85 5.03 -2.39
N GLY A 8 1.39 4.88 -1.22
CA GLY A 8 2.85 4.99 -1.05
C GLY A 8 3.46 3.96 -1.97
N PHE A 9 3.08 2.76 -1.73
CA PHE A 9 3.49 1.62 -2.56
C PHE A 9 2.20 0.98 -3.05
N ARG A 10 1.27 1.79 -3.49
CA ARG A 10 -0.07 1.26 -3.89
C ARG A 10 0.04 -0.04 -4.72
N GLY A 11 -1.07 -0.61 -5.08
CA GLY A 11 -1.05 -1.97 -5.69
C GLY A 11 -1.03 -2.82 -4.42
N PRO A 12 -1.71 -2.18 -3.49
CA PRO A 12 -1.85 -2.52 -2.04
C PRO A 12 -1.71 -3.95 -1.61
N GLY A 13 -1.73 -4.11 -0.31
CA GLY A 13 -1.63 -5.46 0.31
C GLY A 13 -0.17 -5.80 0.60
N LEU A 14 0.70 -4.82 0.62
CA LEU A 14 2.14 -5.11 0.90
C LEU A 14 2.62 -4.36 2.14
N CYS A 15 1.76 -4.20 3.11
CA CYS A 15 2.15 -3.46 4.35
C CYS A 15 3.54 -3.93 4.83
N CYS A 1 -0.39 -1.10 5.06
CA CYS A 1 -0.90 -1.13 3.68
C CYS A 1 -2.44 -1.26 3.63
N PHE A 2 -3.16 -0.17 3.35
CA PHE A 2 -4.65 -0.31 3.25
C PHE A 2 -4.87 -1.14 2.03
N ARG A 3 -4.22 -0.68 1.06
CA ARG A 3 -4.06 -1.35 -0.20
C ARG A 3 -2.57 -1.40 -0.18
N ALA A 4 -2.08 -0.23 -0.29
CA ALA A 4 -0.67 0.08 -0.04
C ALA A 4 -0.67 1.45 0.61
N ARG A 5 -1.07 1.55 1.84
CA ARG A 5 -1.08 2.91 2.41
C ARG A 5 0.37 3.17 2.79
N GLY A 6 1.17 2.16 2.57
CA GLY A 6 2.63 2.32 2.61
C GLY A 6 2.77 2.57 1.12
N TYR A 7 2.16 3.67 0.74
CA TYR A 7 1.92 4.04 -0.66
C TYR A 7 3.05 3.86 -1.60
N GLY A 8 3.10 2.70 -2.10
CA GLY A 8 3.98 2.48 -3.25
C GLY A 8 3.07 3.09 -4.30
N PHE A 9 2.01 2.39 -4.52
CA PHE A 9 0.86 2.84 -5.31
C PHE A 9 -0.33 2.38 -4.46
N ARG A 10 -0.85 3.13 -3.53
CA ARG A 10 -1.93 2.56 -2.64
C ARG A 10 -2.71 1.49 -3.40
N GLY A 11 -2.15 0.31 -3.34
CA GLY A 11 -2.67 -0.89 -4.03
C GLY A 11 -1.74 -2.10 -3.74
N PRO A 12 -0.43 -1.84 -3.72
CA PRO A 12 0.56 -2.93 -3.44
C PRO A 12 0.15 -3.90 -2.31
N GLY A 13 0.35 -3.52 -1.07
CA GLY A 13 0.02 -4.45 0.05
C GLY A 13 1.30 -4.68 0.85
N LEU A 14 2.00 -3.62 1.10
CA LEU A 14 3.27 -3.69 1.88
C LEU A 14 3.01 -3.04 3.24
N CYS A 15 2.34 -3.73 4.11
CA CYS A 15 2.00 -3.14 5.44
C CYS A 15 3.25 -3.05 6.31
N CYS A 1 1.88 -0.23 2.61
CA CYS A 1 1.04 -0.28 3.82
C CYS A 1 -0.23 -1.09 3.58
N PHE A 2 -1.37 -0.52 3.79
CA PHE A 2 -2.64 -1.29 3.62
C PHE A 2 -3.20 -1.07 2.25
N ARG A 3 -3.62 0.10 2.00
CA ARG A 3 -3.99 0.40 0.64
C ARG A 3 -2.58 0.54 0.17
N ALA A 4 -2.04 -0.51 -0.40
CA ALA A 4 -0.55 -0.56 -0.63
C ALA A 4 -0.09 0.86 -0.65
N ARG A 5 -0.15 1.33 0.57
CA ARG A 5 0.14 2.73 0.92
C ARG A 5 1.54 2.85 1.50
N GLY A 6 2.39 1.92 1.18
CA GLY A 6 3.80 2.08 1.64
C GLY A 6 4.23 3.33 0.90
N TYR A 7 3.54 3.56 -0.20
CA TYR A 7 3.71 4.77 -1.05
C TYR A 7 2.34 5.49 -1.07
N GLY A 8 1.30 4.75 -1.36
CA GLY A 8 -0.11 5.34 -1.39
C GLY A 8 -0.77 5.08 -2.77
N PHE A 9 -0.33 4.06 -3.44
CA PHE A 9 -0.90 3.64 -4.73
C PHE A 9 -1.23 2.21 -4.46
N ARG A 10 -2.22 2.00 -3.69
CA ARG A 10 -2.53 0.62 -3.24
C ARG A 10 -2.36 -0.37 -4.37
N GLY A 11 -1.13 -0.74 -4.57
CA GLY A 11 -0.76 -1.72 -5.61
C GLY A 11 -0.05 -2.91 -4.94
N PRO A 12 0.87 -2.61 -4.02
CA PRO A 12 1.53 -3.74 -3.32
C PRO A 12 0.59 -4.37 -2.25
N GLY A 13 0.90 -4.22 -0.96
CA GLY A 13 0.03 -4.81 0.10
C GLY A 13 0.91 -5.08 1.34
N LEU A 14 0.98 -4.14 2.27
CA LEU A 14 1.89 -4.35 3.45
C LEU A 14 1.19 -4.32 4.82
N CYS A 15 0.83 -3.15 5.23
CA CYS A 15 0.24 -2.95 6.58
C CYS A 15 -0.90 -3.94 6.84
N CYS A 1 0.33 0.35 3.43
CA CYS A 1 -0.08 0.62 4.83
C CYS A 1 -1.56 1.06 4.90
N PHE A 2 -2.17 1.02 3.76
CA PHE A 2 -3.62 1.35 3.62
C PHE A 2 -4.26 0.17 2.92
N ARG A 3 -3.91 0.06 1.70
CA ARG A 3 -4.32 -1.03 0.83
C ARG A 3 -2.99 -1.59 0.45
N ALA A 4 -2.31 -0.73 -0.20
CA ALA A 4 -0.90 -0.92 -0.57
C ALA A 4 -0.22 0.39 -0.27
N ARG A 5 -0.50 1.02 0.85
CA ARG A 5 0.12 2.35 1.07
C ARG A 5 1.52 2.25 1.59
N GLY A 6 2.29 1.37 1.01
CA GLY A 6 3.72 1.40 1.36
C GLY A 6 4.08 2.77 0.82
N TYR A 7 3.99 2.88 -0.48
CA TYR A 7 4.10 4.19 -1.16
C TYR A 7 2.83 4.32 -1.99
N GLY A 8 2.72 3.38 -2.86
CA GLY A 8 1.56 3.26 -3.74
C GLY A 8 0.41 2.84 -2.88
N PHE A 9 -0.25 3.81 -2.34
CA PHE A 9 -1.41 3.57 -1.40
C PHE A 9 -2.23 2.38 -1.84
N ARG A 10 -2.28 2.18 -3.09
CA ARG A 10 -3.02 1.00 -3.62
C ARG A 10 -2.20 0.25 -4.66
N GLY A 11 -0.90 0.18 -4.49
CA GLY A 11 -0.06 -0.53 -5.50
C GLY A 11 0.53 -1.83 -4.93
N PRO A 12 1.51 -1.69 -4.09
CA PRO A 12 2.17 -2.90 -3.51
C PRO A 12 1.16 -3.77 -2.71
N GLY A 13 1.59 -4.31 -1.60
CA GLY A 13 0.69 -5.16 -0.77
C GLY A 13 1.39 -5.42 0.57
N LEU A 14 1.67 -4.37 1.29
CA LEU A 14 2.38 -4.52 2.60
C LEU A 14 1.50 -4.06 3.77
N CYS A 15 2.00 -3.14 4.54
CA CYS A 15 1.26 -2.63 5.73
C CYS A 15 -0.20 -2.34 5.36
N CYS A 1 -0.27 -1.12 3.27
CA CYS A 1 -1.25 -0.22 3.96
C CYS A 1 -1.33 1.12 3.26
N PHE A 2 -0.18 1.62 3.00
CA PHE A 2 -0.05 2.96 2.40
C PHE A 2 -0.24 2.89 0.94
N ARG A 3 0.68 2.47 0.17
CA ARG A 3 0.29 2.27 -1.21
C ARG A 3 -0.59 1.10 -0.85
N ALA A 4 -0.18 0.00 -1.11
CA ALA A 4 -0.85 -1.13 -0.45
C ALA A 4 0.24 -1.61 0.51
N ARG A 5 1.16 -0.68 0.75
CA ARG A 5 2.29 -0.87 1.68
C ARG A 5 2.96 0.48 1.89
N GLY A 6 3.12 1.08 0.74
CA GLY A 6 3.89 2.35 0.54
C GLY A 6 3.10 3.64 0.86
N TYR A 7 2.26 4.08 -0.04
CA TYR A 7 1.54 5.38 0.17
C TYR A 7 0.02 5.29 0.22
N GLY A 8 -0.53 5.03 -0.93
CA GLY A 8 -1.99 5.01 -1.16
C GLY A 8 -2.38 3.64 -1.70
N PHE A 9 -3.18 3.00 -0.96
CA PHE A 9 -3.64 1.59 -1.22
C PHE A 9 -3.44 1.16 -2.67
N ARG A 10 -2.18 0.98 -3.02
CA ARG A 10 -1.84 0.56 -4.42
C ARG A 10 -0.84 -0.64 -4.50
N GLY A 11 0.34 -0.43 -5.07
CA GLY A 11 1.36 -1.55 -5.24
C GLY A 11 1.55 -2.36 -3.96
N PRO A 12 2.57 -3.21 -3.93
CA PRO A 12 2.73 -4.04 -2.71
C PRO A 12 1.42 -4.74 -2.35
N GLY A 13 0.73 -4.35 -1.29
CA GLY A 13 -0.55 -5.06 -0.96
C GLY A 13 -0.82 -5.07 0.55
N LEU A 14 0.01 -5.74 1.29
CA LEU A 14 -0.18 -5.84 2.78
C LEU A 14 -0.24 -4.45 3.43
N CYS A 15 -0.14 -4.39 4.73
CA CYS A 15 -0.16 -3.08 5.41
C CYS A 15 1.27 -2.55 5.50
N CYS A 1 1.41 -1.23 5.07
CA CYS A 1 0.78 -0.42 4.04
C CYS A 1 -0.71 -0.18 4.24
N PHE A 2 -1.29 0.47 3.28
CA PHE A 2 -2.76 0.64 3.24
C PHE A 2 -3.12 0.10 1.87
N ARG A 3 -2.36 0.53 0.92
CA ARG A 3 -2.34 -0.04 -0.42
C ARG A 3 -1.02 -0.76 -0.29
N ALA A 4 -0.03 0.03 -0.35
CA ALA A 4 1.37 -0.42 -0.03
C ALA A 4 2.01 0.56 0.96
N ARG A 5 1.30 1.58 1.21
CA ARG A 5 1.70 2.63 2.17
C ARG A 5 0.41 3.36 2.52
N GLY A 6 -0.55 3.00 1.74
CA GLY A 6 -1.86 3.64 1.70
C GLY A 6 -1.80 4.31 0.37
N TYR A 7 -0.99 5.34 0.22
CA TYR A 7 -0.85 5.77 -1.17
C TYR A 7 0.57 5.72 -1.66
N GLY A 8 1.33 4.80 -1.12
CA GLY A 8 2.64 4.49 -1.70
C GLY A 8 2.11 3.90 -2.99
N PHE A 9 1.84 4.78 -3.90
CA PHE A 9 1.08 4.49 -5.15
C PHE A 9 1.14 3.03 -5.57
N ARG A 10 0.99 2.17 -4.60
CA ARG A 10 0.97 0.71 -4.91
C ARG A 10 -0.21 -0.03 -4.23
N GLY A 11 -1.01 -0.75 -5.01
CA GLY A 11 -2.16 -1.56 -4.43
C GLY A 11 -1.62 -2.46 -3.30
N PRO A 12 -0.75 -3.37 -3.66
CA PRO A 12 -0.13 -4.26 -2.65
C PRO A 12 -1.01 -4.75 -1.49
N GLY A 13 -1.10 -4.01 -0.41
CA GLY A 13 -1.85 -4.52 0.80
C GLY A 13 -0.88 -5.44 1.54
N LEU A 14 0.38 -5.30 1.20
CA LEU A 14 1.47 -6.11 1.82
C LEU A 14 2.16 -5.26 2.90
N CYS A 15 1.44 -4.83 3.87
CA CYS A 15 2.03 -3.94 4.90
C CYS A 15 3.02 -4.72 5.77
N CYS A 1 0.05 1.86 3.62
CA CYS A 1 0.45 0.48 3.90
C CYS A 1 -0.81 -0.39 4.11
N PHE A 2 -1.92 0.07 3.57
CA PHE A 2 -3.22 -0.68 3.61
C PHE A 2 -3.78 -0.79 2.20
N ARG A 3 -4.14 0.34 1.68
CA ARG A 3 -4.53 0.45 0.27
C ARG A 3 -3.12 0.49 -0.19
N ALA A 4 -2.61 -0.69 -0.38
CA ALA A 4 -1.14 -0.86 -0.48
C ALA A 4 -0.56 0.47 -0.74
N ARG A 5 -0.65 1.16 0.35
CA ARG A 5 -0.21 2.53 0.48
C ARG A 5 1.11 2.47 1.24
N GLY A 6 1.83 1.35 1.07
CA GLY A 6 3.17 1.24 1.70
C GLY A 6 3.79 2.57 1.38
N TYR A 7 3.50 3.03 0.18
CA TYR A 7 3.90 4.39 -0.24
C TYR A 7 2.62 5.23 -0.44
N GLY A 8 1.53 4.56 -0.72
CA GLY A 8 0.18 5.23 -0.95
C GLY A 8 -0.19 5.02 -2.43
N PHE A 9 0.17 3.86 -2.92
CA PHE A 9 -0.09 3.39 -4.30
C PHE A 9 -0.60 1.97 -4.14
N ARG A 10 -1.80 1.82 -3.71
CA ARG A 10 -2.35 0.45 -3.44
C ARG A 10 -1.97 -0.52 -4.58
N GLY A 11 -0.76 -1.04 -4.49
CA GLY A 11 -0.26 -2.03 -5.48
C GLY A 11 0.27 -3.24 -4.70
N PRO A 12 1.13 -2.95 -3.76
CA PRO A 12 1.67 -4.06 -2.90
C PRO A 12 0.52 -4.65 -2.07
N GLY A 13 0.78 -4.96 -0.83
CA GLY A 13 -0.28 -5.48 0.06
C GLY A 13 -0.47 -4.47 1.17
N LEU A 14 -0.07 -4.79 2.36
CA LEU A 14 -0.20 -3.80 3.45
C LEU A 14 1.19 -3.42 3.98
N CYS A 15 1.28 -3.03 5.21
CA CYS A 15 2.60 -2.62 5.77
C CYS A 15 3.63 -3.74 5.61
N CYS A 1 1.06 -0.52 3.76
CA CYS A 1 0.46 -0.08 5.06
C CYS A 1 -0.33 1.20 4.86
N PHE A 2 -0.72 1.43 3.65
CA PHE A 2 -1.54 2.63 3.34
C PHE A 2 -2.79 2.15 2.67
N ARG A 3 -2.71 1.94 1.43
CA ARG A 3 -3.82 1.38 0.71
C ARG A 3 -3.33 -0.01 0.44
N ALA A 4 -2.45 -0.09 -0.47
CA ALA A 4 -1.76 -1.37 -0.73
C ALA A 4 -0.31 -1.09 -1.06
N ARG A 5 0.30 -0.16 -0.40
CA ARG A 5 1.74 0.14 -0.74
C ARG A 5 2.48 0.71 0.43
N GLY A 6 1.87 0.78 1.58
CA GLY A 6 2.56 1.50 2.68
C GLY A 6 2.44 2.98 2.28
N TYR A 7 2.26 3.20 0.98
CA TYR A 7 2.03 4.51 0.36
C TYR A 7 0.66 4.34 -0.33
N GLY A 8 -0.29 5.10 0.12
CA GLY A 8 -1.73 4.99 -0.33
C GLY A 8 -2.00 4.65 -1.81
N PHE A 9 -1.03 4.59 -2.67
CA PHE A 9 -1.31 4.21 -4.06
C PHE A 9 -0.48 2.97 -4.37
N ARG A 10 -1.06 1.94 -3.89
CA ARG A 10 -0.56 0.56 -3.87
C ARG A 10 0.18 0.02 -5.09
N GLY A 11 0.53 -1.23 -4.89
CA GLY A 11 1.27 -2.10 -5.84
C GLY A 11 1.45 -3.44 -5.11
N PRO A 12 1.70 -3.31 -3.82
CA PRO A 12 1.83 -4.50 -2.94
C PRO A 12 0.48 -4.92 -2.32
N GLY A 13 -0.02 -4.20 -1.34
CA GLY A 13 -1.30 -4.59 -0.68
C GLY A 13 -0.98 -5.15 0.71
N LEU A 14 0.13 -4.70 1.25
CA LEU A 14 0.59 -5.16 2.59
C LEU A 14 0.68 -3.99 3.55
N CYS A 15 1.14 -4.24 4.75
CA CYS A 15 1.35 -3.10 5.69
C CYS A 15 2.84 -2.93 5.94
N CYS A 1 -1.32 -2.07 1.62
CA CYS A 1 -0.01 -1.52 2.03
C CYS A 1 -0.20 -0.68 3.30
N PHE A 2 -0.11 0.61 3.24
CA PHE A 2 -0.41 1.41 4.46
C PHE A 2 -1.85 1.11 4.59
N ARG A 3 -2.61 1.73 3.82
CA ARG A 3 -3.95 1.20 3.67
C ARG A 3 -3.51 0.19 2.61
N ALA A 4 -3.42 0.78 1.53
CA ALA A 4 -2.76 0.38 0.33
C ALA A 4 -2.40 1.79 0.02
N ARG A 5 -1.65 2.41 0.93
CA ARG A 5 -1.41 3.87 0.81
C ARG A 5 -0.03 4.28 1.30
N GLY A 6 0.92 3.38 1.26
CA GLY A 6 2.29 3.77 1.77
C GLY A 6 3.29 3.95 0.61
N TYR A 7 3.05 3.27 -0.45
CA TYR A 7 3.89 3.34 -1.67
C TYR A 7 2.91 3.78 -2.72
N GLY A 8 2.90 3.09 -3.81
CA GLY A 8 1.78 3.27 -4.73
C GLY A 8 0.75 2.84 -3.74
N PHE A 9 -0.09 3.69 -3.37
CA PHE A 9 -0.96 3.38 -2.25
C PHE A 9 -1.33 1.94 -2.28
N ARG A 10 -2.16 1.61 -3.12
CA ARG A 10 -2.61 0.20 -3.14
C ARG A 10 -1.73 -0.72 -4.01
N GLY A 11 -1.45 -1.92 -3.51
CA GLY A 11 -0.66 -2.94 -4.27
C GLY A 11 0.70 -3.28 -3.61
N PRO A 12 1.47 -2.27 -3.37
CA PRO A 12 2.84 -2.41 -2.81
C PRO A 12 3.09 -3.36 -1.60
N GLY A 13 3.28 -2.82 -0.41
CA GLY A 13 3.70 -3.64 0.79
C GLY A 13 2.59 -4.32 1.62
N LEU A 14 2.08 -3.65 2.63
CA LEU A 14 1.06 -4.30 3.52
C LEU A 14 -0.31 -4.30 2.88
N CYS A 15 -0.39 -4.75 1.68
CA CYS A 15 -1.69 -4.79 0.98
C CYS A 15 -2.20 -6.23 0.98
N CYS A 1 0.41 -0.04 6.20
CA CYS A 1 0.12 1.02 5.21
C CYS A 1 -1.35 1.45 5.27
N PHE A 2 -1.83 1.99 4.17
CA PHE A 2 -3.26 2.39 4.06
C PHE A 2 -4.00 1.25 3.44
N ARG A 3 -4.33 1.34 2.20
CA ARG A 3 -4.91 0.18 1.53
C ARG A 3 -3.67 -0.66 1.39
N ALA A 4 -2.90 -0.24 0.50
CA ALA A 4 -1.53 -0.76 0.28
C ALA A 4 -0.67 0.47 0.12
N ARG A 5 -0.71 1.38 1.08
CA ARG A 5 0.10 2.60 0.89
C ARG A 5 1.54 2.37 1.32
N GLY A 6 2.10 1.22 1.02
CA GLY A 6 3.55 1.06 1.33
C GLY A 6 4.16 2.28 0.66
N TYR A 7 3.54 2.66 -0.46
CA TYR A 7 3.91 3.90 -1.19
C TYR A 7 2.69 4.83 -1.20
N GLY A 8 1.55 4.24 -1.39
CA GLY A 8 0.25 5.00 -1.44
C GLY A 8 -0.51 4.70 -2.75
N PHE A 9 -0.01 3.77 -3.51
CA PHE A 9 -0.65 3.31 -4.77
C PHE A 9 -0.98 1.87 -4.47
N ARG A 10 -2.04 1.69 -3.76
CA ARG A 10 -2.42 0.33 -3.28
C ARG A 10 -2.26 -0.72 -4.36
N GLY A 11 -1.17 -1.42 -4.26
CA GLY A 11 -0.78 -2.52 -5.19
C GLY A 11 0.40 -3.26 -4.53
N PRO A 12 1.48 -2.52 -4.37
CA PRO A 12 2.74 -3.00 -3.70
C PRO A 12 2.66 -4.36 -2.99
N GLY A 13 1.69 -4.49 -2.16
CA GLY A 13 1.57 -5.65 -1.24
C GLY A 13 1.38 -4.88 0.05
N LEU A 14 0.16 -4.60 0.35
CA LEU A 14 -0.14 -3.65 1.45
C LEU A 14 0.51 -3.92 2.81
N CYS A 15 -0.06 -3.25 3.77
CA CYS A 15 0.41 -3.22 5.17
C CYS A 15 0.97 -4.58 5.62
N CYS A 1 2.64 -0.56 2.85
CA CYS A 1 1.67 -0.84 3.94
C CYS A 1 0.29 -1.21 3.39
N PHE A 2 -0.77 -0.71 3.95
CA PHE A 2 -2.17 -1.15 3.52
C PHE A 2 -2.33 -1.34 2.01
N ARG A 3 -3.42 -1.00 1.42
CA ARG A 3 -3.48 -1.29 -0.04
C ARG A 3 -2.19 -0.80 -0.53
N ALA A 4 -2.08 0.40 -0.26
CA ALA A 4 -0.95 1.21 -0.53
C ALA A 4 -0.57 1.99 0.66
N ARG A 5 -0.59 1.52 1.84
CA ARG A 5 -0.25 2.56 2.82
C ARG A 5 1.27 2.71 2.86
N GLY A 6 1.90 1.99 1.96
CA GLY A 6 3.31 2.25 1.60
C GLY A 6 2.96 2.94 0.28
N TYR A 7 2.10 3.94 0.43
CA TYR A 7 1.36 4.57 -0.70
C TYR A 7 2.08 5.19 -1.87
N GLY A 8 1.14 5.62 -2.60
CA GLY A 8 1.15 6.26 -3.93
C GLY A 8 -0.28 5.87 -4.33
N PHE A 9 -0.39 4.70 -4.86
CA PHE A 9 -1.67 3.96 -5.09
C PHE A 9 -1.20 2.55 -4.73
N ARG A 10 -0.46 2.44 -3.66
CA ARG A 10 0.24 1.14 -3.43
C ARG A 10 -0.53 -0.13 -3.07
N GLY A 11 -1.50 -0.48 -3.86
CA GLY A 11 -2.20 -1.78 -3.62
C GLY A 11 -1.09 -2.84 -3.36
N PRO A 12 0.10 -2.56 -3.87
CA PRO A 12 1.27 -3.45 -3.61
C PRO A 12 1.18 -4.43 -2.45
N GLY A 13 1.20 -4.01 -1.21
CA GLY A 13 1.17 -5.03 -0.12
C GLY A 13 0.71 -4.40 1.19
N LEU A 14 -0.52 -4.59 1.52
CA LEU A 14 -1.05 -4.01 2.79
C LEU A 14 -0.33 -4.59 3.99
N CYS A 15 -0.08 -3.77 4.97
CA CYS A 15 0.64 -4.21 6.20
C CYS A 15 -0.35 -4.63 7.29
#